data_6JBF
#
_entry.id   6JBF
#
_cell.length_a   27.111
_cell.length_b   81.324
_cell.length_c   50.131
_cell.angle_alpha   90.000
_cell.angle_beta   95.280
_cell.angle_gamma   90.000
#
_symmetry.space_group_name_H-M   'P 1 21 1'
#
loop_
_entity.id
_entity.type
_entity.pdbx_description
1 polymer "RNA (5'-R(*UP*UP*GP*CP*GP*UP*CP*AP*CP*GP*CP*CP*GP*GP*CP*GP*AP*AP*GP*UP*CP*GP*C)-3')"
2 non-polymer '(1R,2R,3S,4R,6S)-4,6-diamino-2,3-dihydroxycyclohexyl 2,6-diamino-2,4,6-trideoxy-4-fluoro-alpha-D-galactopyranoside'
3 water water
#
_entity_poly.entity_id   1
_entity_poly.type   'polyribonucleotide'
_entity_poly.pdbx_seq_one_letter_code
;UUGCGUCACGCCGGCGAAGUCGC
;
_entity_poly.pdbx_strand_id   A,B,C,D
#